data_5XZC
#
_entry.id   5XZC
#
loop_
_entity.id
_entity.type
_entity.pdbx_description
1 polymer 'Histone acetyltransferase p300'
2 polymer 'Cellular tumor antigen p53'
#
loop_
_entity_poly.entity_id
_entity_poly.type
_entity_poly.pdbx_seq_one_letter_code
_entity_poly.pdbx_strand_id
1 'polypeptide(L)'
;KKIFKPEELRQALMPTLEALYRQDPESLPFRQPVDPQLLGIPDYFDIVKSPMDLSTIKRKLDTGQYQEPWQYVDDIWLMF
NNAWLYNRKTSRVYKYCSKLSEVFEQEIDPVMQSLGYCCGRKLEFSPQTLCCYGKQLCTIPRDATYYSYQNRYHFCEKCF
NEIQGESVSLGDDPSQPQTTINKEQFSKRKNDTLDPELFVECTECGRKMHQICVLHHEIIWPAGFVCDGCLKKSARTRKE
NKFSAKRLPSTRLGTFLENRVNDFLRRQNHPESGEVTVRVVHASDKTVEVKPGMKARFVDSGEMAESFPYRTKALFAFEE
IDGVDLCFFGMHVQEYGSDCPPPNQRRVYISYLDSVHFFRPKCLRTAVYHEILIGYLEYVKKLGYTTGHIWACPPSEGDD
YIFHCHPPDQKIPKPKRLQEWYKKMLDKAVSERIVHDYKDIFKQATEDRLTSAKELPYFEGDFWPNVLEESIKELEQEEE
ERKREENTSNESTDVTKGDSKNAKKKNNKKTSKNKSSLSRGNKKKPGMPNVSNDLSQKLYATMEKHKEVFFVIRLIAGPA
ANSLPPIVDPDPLIPCDLMDGRDAFLTLARDKHLEFSSLRRAQWSTMCMLVELHTQSQD
;
A
2 'polypeptide(L)'
;PLSSSVPSQKTYQGSYGFRLGFLHSGTAKSVTCTYSPALNKMFCQLAKTCPVQLWVDSTPPPGTRVRAMAIYKQSQHMTE
VVRRCPHHERCSDSDGLAPPQHLIRVEGNLRVEYLDDRNTFRHSVVVPYEPPEVGSDCTTIHYNYMCNSSCMGGMNRRPI
LTIITLEDSSGNLLGRNSFEVRVCACPGRDRRTEEENLRKKGEPHHELPPGSTKRALPNNTSSSPQPKKKPLDGEYFTLQ
IRGRERFEMFRELNEALELKDAQAG
;
B,C,D,E
#
# COMPACT_ATOMS: atom_id res chain seq x y z
CA LYS A 1 25.10 20.81 13.85
CA LYS A 2 28.38 22.01 12.29
CA ILE A 3 29.32 25.57 13.31
CA PHE A 4 31.56 27.72 11.09
CA LYS A 5 33.66 30.34 12.88
CA PRO A 6 34.01 33.61 10.88
CA GLU A 7 37.80 33.37 11.34
CA GLU A 8 38.11 29.79 10.03
CA LEU A 9 36.35 31.01 6.87
CA ARG A 10 38.48 34.06 6.09
CA GLN A 11 41.42 31.75 6.80
CA ALA A 12 40.24 29.64 3.86
CA LEU A 13 38.30 32.05 1.65
CA MET A 14 40.40 35.26 1.60
CA PRO A 15 43.22 33.77 -0.54
CA THR A 16 40.79 33.38 -3.46
CA LEU A 17 39.52 36.90 -2.92
CA GLU A 18 43.05 38.25 -3.04
CA ALA A 19 43.74 36.24 -6.18
CA LEU A 20 41.00 38.35 -7.78
CA TYR A 21 42.61 41.59 -6.55
CA ARG A 22 46.01 40.54 -7.96
CA GLN A 23 44.81 40.70 -11.59
CA ASP A 24 46.07 43.97 -13.15
CA PRO A 25 44.31 45.68 -14.81
CA GLU A 26 41.35 43.29 -14.90
CA SER A 27 39.95 43.78 -11.39
CA LEU A 28 39.72 47.62 -11.46
CA PRO A 29 35.99 48.06 -12.17
CA PHE A 30 35.32 45.68 -9.22
CA ARG A 31 37.72 46.80 -6.47
CA GLN A 32 35.26 49.30 -4.97
CA PRO A 33 31.43 49.82 -5.24
CA VAL A 34 30.15 50.81 -8.67
CA ASP A 35 29.14 54.49 -8.52
CA PRO A 36 26.71 55.33 -11.39
CA GLN A 37 27.16 59.12 -11.04
CA LEU A 38 30.99 58.98 -11.22
CA LEU A 39 30.73 57.21 -14.61
CA GLY A 40 27.59 58.94 -15.93
CA ILE A 41 25.04 56.13 -16.31
CA PRO A 42 21.58 56.61 -14.66
CA ASP A 43 20.45 53.32 -16.23
CA TYR A 44 22.57 51.26 -13.83
CA PHE A 45 20.67 50.89 -10.56
CA ASP A 46 17.50 50.18 -12.61
CA ILE A 47 19.17 47.21 -14.36
CA VAL A 48 21.16 45.90 -11.39
CA LYS A 49 18.73 45.52 -8.48
CA SER A 50 21.31 44.29 -5.95
CA PRO A 51 24.95 45.06 -6.87
CA MET A 52 28.36 43.76 -5.74
CA ASP A 53 32.03 44.68 -5.76
CA LEU A 54 35.28 43.40 -4.24
CA SER A 55 35.38 45.50 -1.04
CA THR A 56 31.77 44.76 -0.09
CA ILE A 57 32.64 41.06 -0.24
CA LYS A 58 35.85 41.66 1.72
CA ARG A 59 34.11 43.65 4.45
CA LYS A 60 31.60 40.83 4.96
CA LEU A 61 34.46 38.34 5.13
CA ASP A 62 36.40 40.47 7.65
CA THR A 63 33.46 41.37 9.89
CA GLY A 64 32.01 37.84 9.79
CA GLN A 65 28.75 38.15 7.82
CA TYR A 66 29.13 34.75 6.12
CA GLN A 67 27.39 31.93 7.98
CA GLU A 68 28.45 29.28 5.44
CA PRO A 69 30.88 29.20 2.43
CA TRP A 70 28.22 29.26 -0.31
CA GLN A 71 27.13 32.76 0.70
CA TYR A 72 30.62 33.94 -0.24
CA VAL A 73 30.50 32.06 -3.55
CA ASP A 74 27.01 33.46 -4.19
CA ASP A 75 28.15 37.08 -3.77
CA ILE A 76 31.20 36.41 -5.95
CA TRP A 77 28.89 35.28 -8.72
CA LEU A 78 26.40 38.09 -8.07
CA MET A 79 29.23 40.53 -8.81
CA PHE A 80 30.17 38.74 -12.04
CA ASN A 81 26.52 38.47 -13.12
CA ASN A 82 25.61 42.15 -12.74
CA ALA A 83 28.74 42.90 -14.74
CA TRP A 84 27.68 40.66 -17.61
CA LEU A 85 24.08 41.94 -17.57
CA TYR A 86 25.24 45.51 -18.34
CA ASN A 87 28.14 45.37 -20.81
CA ARG A 88 28.15 43.43 -24.09
CA LYS A 89 30.32 40.53 -25.27
CA THR A 90 32.29 43.26 -27.04
CA SER A 91 33.32 45.80 -24.38
CA ARG A 92 36.26 45.90 -21.95
CA VAL A 93 34.46 45.40 -18.62
CA TYR A 94 32.97 42.18 -19.96
CA LYS A 95 36.37 40.83 -21.00
CA TYR A 96 37.69 41.73 -17.54
CA CYS A 97 34.78 40.11 -15.68
CA SER A 98 35.38 37.01 -17.79
CA LYS A 99 38.98 36.94 -16.63
CA LEU A 100 38.13 37.21 -12.94
CA SER A 101 35.52 34.47 -13.07
CA GLU A 102 37.98 32.40 -15.11
CA VAL A 103 40.59 32.94 -12.38
CA PHE A 104 37.98 32.32 -9.67
CA GLU A 105 36.80 29.08 -11.20
CA GLN A 106 40.41 27.97 -10.71
CA GLU A 107 40.98 28.81 -7.05
CA ILE A 108 37.62 28.15 -5.47
CA ASP A 109 37.38 24.40 -6.05
CA PRO A 110 40.26 23.18 -3.88
CA VAL A 111 39.37 25.70 -1.14
CA MET A 112 35.75 24.64 -1.02
CA GLN A 113 36.90 21.03 -0.90
CA SER A 114 39.14 22.00 2.04
CA LEU A 115 36.01 23.04 3.88
CA GLY A 116 34.54 19.57 3.23
CA TYR A 117 32.30 20.35 0.26
CA CYS A 118 31.84 18.65 -3.12
CA CYS A 119 32.99 21.57 -5.25
CA GLY A 120 32.84 25.36 -5.51
CA ARG A 121 31.17 25.91 -8.86
CA LYS A 122 27.91 27.77 -9.34
CA LEU A 123 25.90 25.24 -11.31
CA GLU A 124 37.85 1.64 -2.94
CA PHE A 125 38.16 0.44 -6.53
CA SER A 126 41.30 -1.64 -7.13
CA PRO A 127 43.15 -0.48 -10.23
CA GLN A 128 41.82 -2.23 -13.35
CA THR A 129 43.98 -4.10 -15.81
CA LEU A 130 44.77 -2.05 -18.95
CA CYS A 131 45.43 -2.89 -22.60
CA CYS A 132 49.10 -2.88 -23.55
CA TYR A 133 49.22 -1.33 -27.02
CA GLY A 134 52.33 -3.07 -28.35
CA LYS A 135 51.78 -6.82 -28.60
CA GLN A 136 47.94 -6.87 -28.84
CA LEU A 137 47.87 -9.69 -26.24
CA CYS A 138 50.01 -7.68 -23.81
CA THR A 139 48.27 -6.80 -20.53
CA ILE A 140 48.98 -4.40 -17.68
CA PRO A 141 48.33 -5.82 -14.19
CA ARG A 142 47.73 -3.89 -10.99
CA ASP A 143 50.89 -2.16 -9.63
CA ALA A 144 52.96 -2.71 -12.79
CA THR A 145 55.04 0.05 -14.45
CA TYR A 146 53.64 1.51 -17.69
CA TYR A 147 53.87 4.48 -20.05
CA SER A 148 50.89 6.61 -21.09
CA TYR A 149 50.20 9.54 -23.41
CA GLN A 150 47.04 11.61 -22.94
CA ASN A 151 45.71 8.71 -20.82
CA ARG A 152 44.69 6.83 -24.04
CA TYR A 153 47.75 4.94 -25.19
CA HIS A 154 49.52 2.86 -22.50
CA PHE A 155 52.61 0.62 -22.89
CA CYS A 156 54.06 -2.19 -20.73
CA GLU A 157 57.64 -1.31 -19.68
CA LYS A 158 58.90 -4.38 -21.55
CA CYS A 159 56.96 -3.55 -24.73
CA PHE A 160 58.09 0.07 -24.46
CA ASN A 161 61.78 -0.67 -24.67
CA GLU A 162 61.04 -3.08 -27.52
CA ILE A 163 60.36 0.08 -29.56
CA GLN A 164 62.84 1.47 -32.08
CA GLY A 165 64.78 4.44 -30.68
CA GLU A 166 62.66 7.38 -29.49
CA SER A 167 59.87 7.65 -32.08
CA VAL A 168 56.53 5.90 -31.52
CA SER A 169 53.83 5.20 -34.12
CA LEU A 170 50.51 5.92 -32.45
CA GLY A 171 46.81 6.59 -32.92
CA ASP A 172 46.39 4.13 -35.77
CA ASP A 173 43.11 3.41 -33.96
CA PRO A 174 40.51 5.48 -35.87
CA SER A 175 40.82 5.72 -39.69
CA GLN A 176 43.94 6.99 -41.52
CA PRO A 177 45.92 9.25 -39.04
CA GLN A 178 49.46 8.06 -38.18
CA THR A 179 50.38 10.73 -35.59
CA THR A 180 53.97 10.11 -34.48
CA ILE A 181 54.81 10.74 -30.84
CA ASN A 182 58.25 10.95 -29.20
CA LYS A 183 59.27 8.77 -26.23
CA GLU A 184 60.07 11.95 -24.25
CA GLN A 185 56.39 12.94 -24.25
CA PHE A 186 55.11 9.92 -22.25
CA SER A 187 54.37 9.56 -18.55
CA LYS A 188 56.18 6.84 -16.57
CA ARG A 189 53.43 5.46 -14.29
CA LYS A 190 52.56 2.71 -11.83
CA ASN A 191 49.11 1.18 -12.32
CA ASP A 192 48.37 1.82 -8.61
CA THR A 193 45.65 4.53 -8.39
CA LEU A 194 42.89 3.77 -5.87
CA ASP A 195 39.57 5.63 -6.49
CA PRO A 196 37.29 5.69 -3.38
CA GLU A 197 33.68 4.49 -3.70
CA LEU A 198 46.09 -12.54 -3.43
CA PHE A 199 48.47 -14.12 -0.97
CA VAL A 200 49.25 -13.11 2.61
CA GLU A 201 52.58 -13.98 4.26
CA CYS A 202 52.84 -15.65 7.67
CA THR A 203 54.68 -13.27 10.01
CA GLU A 204 56.35 -16.30 11.73
CA CYS A 205 56.60 -18.86 8.89
CA GLY A 206 57.26 -16.78 5.78
CA ARG A 207 54.88 -18.93 3.71
CA LYS A 208 52.76 -17.33 0.99
CA MET A 209 49.18 -18.51 1.59
CA HIS A 210 45.92 -17.76 -0.25
CA GLN A 211 44.13 -14.93 1.56
CA ILE A 212 40.76 -16.58 0.93
CA CYS A 213 41.98 -19.99 2.13
CA VAL A 214 43.28 -18.85 5.49
CA LEU A 215 40.52 -16.21 5.92
CA HIS A 216 42.79 -13.42 7.15
CA HIS A 217 41.38 -9.91 7.24
CA GLU A 218 43.63 -6.95 8.17
CA ILE A 219 40.84 -5.37 10.26
CA ILE A 220 39.98 -8.40 12.39
CA TRP A 221 43.61 -9.29 13.12
CA PRO A 222 45.72 -6.12 12.68
CA ALA A 223 48.69 -7.77 14.39
CA GLY A 224 49.33 -9.62 11.14
CA PHE A 225 48.61 -13.11 9.84
CA VAL A 226 49.88 -16.13 11.78
CA CYS A 227 49.16 -19.49 10.12
CA ASP A 228 47.57 -22.37 12.00
CA GLY A 229 50.80 -24.39 11.87
CA CYS A 230 52.71 -21.76 13.84
CA LEU A 231 49.77 -21.16 16.14
CA LYS A 232 49.50 -24.87 17.01
CA LYS A 233 53.23 -25.14 17.69
CA SER A 234 52.81 -22.57 20.48
CA ALA A 235 49.54 -24.09 21.78
CA ARG A 236 47.63 -20.91 20.96
CA THR A 237 44.93 -19.61 18.61
CA ARG A 238 43.72 -16.47 16.84
CA LYS A 239 41.91 -13.71 18.70
CA GLU A 240 38.12 -14.03 18.61
CA ASN A 241 29.02 14.19 3.21
CA LYS A 242 25.51 15.47 2.65
CA PHE A 243 24.10 12.21 4.09
CA SER A 244 24.85 13.05 7.73
CA ALA A 245 22.99 12.41 10.98
CA LYS A 246 22.70 16.16 11.46
CA ARG A 247 21.00 16.59 8.05
CA LEU A 248 18.31 14.03 8.81
CA PRO A 249 15.00 15.94 9.02
CA SER A 250 14.19 17.59 12.33
CA THR A 251 11.14 16.94 14.45
CA ARG A 252 9.95 18.49 17.67
CA LEU A 253 10.51 15.24 19.56
CA GLY A 254 14.11 15.05 18.33
CA THR A 255 14.80 18.70 18.99
CA PHE A 256 13.43 18.37 22.51
CA LEU A 257 15.56 15.30 23.29
CA GLU A 258 18.84 16.63 21.78
CA ASN A 259 18.41 20.01 23.52
CA ARG A 260 18.10 18.19 26.81
CA VAL A 261 21.16 16.01 26.25
CA ASN A 262 23.23 18.88 24.95
CA ASP A 263 22.22 21.28 27.70
CA PHE A 264 23.14 18.49 30.13
CA LEU A 265 26.51 18.06 28.50
CA ARG A 266 27.19 21.81 28.71
CA ARG A 267 26.47 22.03 32.46
CA GLN A 268 28.92 19.16 32.98
CA ASN A 269 31.64 20.83 30.95
CA HIS A 270 33.44 17.50 30.73
CA PRO A 271 36.41 17.77 28.37
CA GLU A 272 36.00 14.72 26.08
CA SER A 273 32.50 15.79 25.13
CA GLY A 274 30.86 16.45 21.80
CA GLU A 275 27.34 17.47 20.80
CA VAL A 276 24.66 14.80 20.50
CA THR A 277 22.22 14.68 17.58
CA VAL A 278 18.82 13.00 18.05
CA ARG A 279 16.57 12.16 15.13
CA VAL A 280 13.16 10.61 14.74
CA VAL A 281 13.43 8.45 11.65
CA HIS A 282 10.12 6.60 11.65
CA ALA A 283 6.57 7.45 12.67
CA SER A 284 3.54 5.51 11.62
CA ASP A 285 0.03 4.55 12.69
CA LYS A 286 -0.71 0.91 13.54
CA THR A 287 -3.21 -1.24 15.39
CA VAL A 288 -2.54 -4.09 17.78
CA GLU A 289 -5.18 -6.78 17.51
CA VAL A 290 -6.36 -8.62 20.60
CA LYS A 291 -5.38 -12.27 20.10
CA PRO A 292 -7.91 -15.10 19.65
CA GLY A 293 -8.19 -16.27 23.26
CA MET A 294 -8.73 -12.82 24.78
CA LYS A 295 -10.86 -11.90 21.79
CA ALA A 296 -13.28 -14.77 22.50
CA ARG A 297 -13.46 -14.11 26.24
CA PHE A 298 -13.74 -10.33 26.24
CA VAL A 299 -14.15 -8.91 22.77
CA ASP A 300 -16.99 -11.04 21.45
CA SER A 301 -19.08 -10.24 24.54
CA GLY A 302 -18.22 -6.59 24.05
CA GLU A 303 -16.21 -6.09 27.23
CA MET A 304 -13.08 -4.93 25.36
CA ALA A 305 -12.08 -3.41 22.01
CA GLU A 306 -10.96 -5.84 19.32
CA SER A 307 -7.95 -3.64 18.62
CA PHE A 308 -6.20 -0.49 19.83
CA PRO A 309 -4.66 2.12 17.51
CA TYR A 310 -1.18 3.43 18.26
CA ARG A 311 1.58 5.49 16.70
CA THR A 312 5.01 3.88 16.55
CA LYS A 313 8.22 5.88 16.39
CA ALA A 314 11.93 4.96 16.03
CA LEU A 315 14.53 7.39 17.30
CA PHE A 316 18.32 7.32 17.29
CA ALA A 317 21.04 9.40 18.94
CA PHE A 318 24.35 10.14 17.26
CA GLU A 319 27.63 11.69 18.36
CA GLU A 320 30.51 12.97 16.28
CA ILE A 321 33.64 10.92 17.03
CA ASP A 322 36.87 11.73 15.18
CA GLY A 323 34.88 14.02 12.86
CA VAL A 324 32.53 11.19 11.79
CA ASP A 325 28.94 10.33 12.80
CA LEU A 326 28.49 7.32 15.08
CA CYS A 327 25.14 5.91 16.19
CA PHE A 328 25.14 5.02 19.88
CA PHE A 329 21.52 4.78 21.00
CA GLY A 330 18.23 3.59 19.58
CA MET A 331 14.66 3.21 20.76
CA HIS A 332 11.28 2.22 19.35
CA VAL A 333 8.13 3.40 21.10
CA GLN A 334 4.43 2.82 20.99
CA GLU A 335 2.10 5.73 21.73
CA TYR A 336 -1.59 5.15 22.43
CA GLY A 337 -3.36 8.48 22.09
CA SER A 338 -6.54 9.92 23.53
CA ASP A 339 -8.54 8.37 20.72
CA CYS A 340 -7.49 4.94 21.76
CA PRO A 341 -10.00 3.16 24.02
CA PRO A 342 -9.40 1.76 27.52
CA PRO A 343 -7.35 0.31 28.78
CA ASN A 344 -4.52 1.53 26.49
CA GLN A 345 -5.69 5.13 26.46
CA ARG A 346 -2.98 7.75 26.95
CA ARG A 347 -0.23 5.18 27.54
CA VAL A 348 3.23 4.90 26.03
CA TYR A 349 5.31 1.78 25.86
CA ILE A 350 8.98 1.41 25.16
CA SER A 351 9.22 -1.55 22.78
CA TYR A 352 12.96 -1.84 22.58
CA LEU A 353 16.04 0.19 23.47
CA ASP A 354 19.66 -0.58 22.71
CA SER A 355 23.14 0.96 22.43
CA VAL A 356 26.74 0.60 21.43
CA HIS A 357 29.11 1.71 24.17
CA PHE A 358 31.30 4.17 22.17
CA PHE A 359 29.90 7.45 23.40
CA ARG A 360 32.56 9.89 24.48
CA PRO A 361 33.17 10.44 27.34
CA LYS A 362 32.55 7.00 28.97
CA CYS A 363 32.05 8.90 32.20
CA LEU A 364 28.70 10.32 31.09
CA ARG A 365 27.36 7.49 28.94
CA THR A 366 24.74 6.19 31.40
CA ALA A 367 23.69 9.72 32.32
CA VAL A 368 23.08 10.59 28.69
CA TYR A 369 20.93 7.45 28.21
CA HIS A 370 18.96 8.49 31.33
CA GLU A 371 18.66 12.04 29.93
CA ILE A 372 17.23 10.83 26.60
CA LEU A 373 14.74 8.56 28.37
CA ILE A 374 13.69 11.07 31.04
CA GLY A 375 13.28 13.59 28.20
CA TYR A 376 11.00 11.27 26.27
CA LEU A 377 8.84 10.81 29.39
CA GLU A 378 8.79 14.60 29.76
CA TYR A 379 7.69 15.14 26.15
CA VAL A 380 4.79 12.71 26.13
CA LYS A 381 3.78 13.97 29.55
CA LYS A 382 3.37 17.50 28.17
CA LEU A 383 1.37 16.34 25.13
CA GLY A 384 -1.00 14.51 27.48
CA TYR A 385 0.11 10.90 27.96
CA THR A 386 -0.67 9.86 31.53
CA THR A 387 1.47 6.75 31.97
CA GLY A 388 4.58 4.95 30.66
CA HIS A 389 5.25 1.19 30.63
CA ILE A 390 8.65 -0.53 30.38
CA TRP A 391 9.43 -4.24 30.21
CA ALA A 392 12.97 -4.48 31.65
CA CYS A 393 14.43 -7.61 30.15
CA PRO A 394 17.94 -7.88 28.73
CA PRO A 395 18.49 -9.75 25.46
CA SER A 396 19.38 -13.45 25.60
CA GLU A 397 22.87 -14.72 24.66
CA GLY A 398 23.81 -13.40 21.21
CA ASP A 399 20.51 -11.72 20.45
CA ASP A 400 20.51 -8.01 19.54
CA TYR A 401 17.53 -5.73 20.02
CA ILE A 402 18.37 -3.02 17.48
CA PHE A 403 22.09 -2.94 16.61
CA HIS A 404 23.46 -6.03 14.85
CA CYS A 405 26.55 -7.58 16.44
CA HIS A 406 27.62 -5.62 19.56
CA PRO A 407 31.21 -5.27 20.78
CA PRO A 408 32.53 -8.42 22.44
CA ASP A 409 33.53 -6.36 25.48
CA GLN A 410 30.23 -4.46 25.95
CA LYS A 411 28.89 -6.42 28.88
CA ILE A 412 25.14 -7.07 28.96
CA PRO A 413 23.42 -6.42 32.27
CA LYS A 414 21.80 -9.20 34.29
CA PRO A 415 18.16 -8.59 35.31
CA LYS A 416 18.98 -7.00 38.70
CA ARG A 417 21.44 -4.52 37.19
CA LEU A 418 18.99 -3.58 34.47
CA GLN A 419 16.16 -3.16 36.94
CA GLU A 420 18.33 -0.93 39.14
CA TRP A 421 19.44 0.96 36.05
CA TYR A 422 15.77 1.82 35.35
CA LYS A 423 15.03 2.60 39.06
CA LYS A 424 17.95 5.07 38.95
CA MET A 425 16.65 6.86 35.82
CA LEU A 426 13.11 7.00 37.19
CA ASP A 427 14.27 8.26 40.58
CA LYS A 428 15.97 11.13 38.78
CA ALA A 429 12.81 11.81 36.92
CA VAL A 430 10.79 11.68 40.15
CA SER A 431 13.00 14.32 41.74
CA GLU A 432 12.76 16.68 38.74
CA ARG A 433 8.98 16.53 39.26
CA ILE A 434 8.57 14.82 35.87
CA VAL A 435 7.50 11.34 36.90
CA HIS A 436 4.96 11.44 39.72
CA ASP A 437 5.80 7.92 40.92
CA TYR A 438 6.29 4.36 39.70
CA LYS A 439 5.56 0.79 40.85
CA ASP A 440 5.93 -2.72 39.53
CA ILE A 441 2.91 -4.06 37.66
CA PHE A 442 1.68 -6.07 40.68
CA LYS A 443 1.76 -3.28 43.24
CA GLN A 444 0.02 -1.12 40.65
CA ALA A 445 -2.70 -3.59 39.89
CA THR A 446 -3.40 -3.81 43.59
CA GLU A 447 -3.48 -0.03 43.78
CA ASP A 448 -5.93 0.22 40.84
CA ARG A 449 -7.95 -2.63 42.38
CA LEU A 450 -8.12 -4.46 39.10
CA THR A 451 -9.95 -7.78 38.96
CA SER A 452 -9.79 -8.86 35.31
CA ALA A 453 -7.18 -9.38 32.55
CA LYS A 454 -9.22 -7.02 30.33
CA GLU A 455 -8.09 -4.07 32.42
CA LEU A 456 -4.41 -4.65 31.59
CA PRO A 457 -2.85 -2.50 28.87
CA TYR A 458 -2.42 -4.54 25.73
CA PHE A 459 0.62 -3.60 23.67
CA GLU A 460 2.09 -5.01 20.47
CA GLY A 461 4.82 -7.52 21.13
CA ASP A 462 4.60 -7.20 24.89
CA PHE A 463 4.69 -10.11 27.32
CA TRP A 464 1.14 -9.80 28.65
CA PRO A 465 -0.99 -10.62 25.59
CA ASN A 466 0.89 -13.91 25.23
CA VAL A 467 0.67 -15.01 28.85
CA LEU A 468 -3.03 -14.13 28.78
CA GLU A 469 -3.62 -16.59 25.93
CA GLU A 470 -1.94 -19.29 28.03
CA SER A 471 -3.86 -18.23 31.16
CA ILE A 472 -7.26 -18.44 29.44
CA LYS A 473 -6.44 -21.77 27.81
CA GLU A 474 -4.85 -23.37 30.88
CA LEU A 475 21.01 -0.94 43.20
CA GLU A 476 23.58 -3.14 41.48
CA GLN A 477 22.21 -6.63 42.17
CA GLU A 478 20.61 -5.88 45.52
CA GLU A 479 21.93 -8.53 47.90
CA GLU A 480 22.95 -11.19 45.38
CA GLU A 481 25.76 -12.17 47.73
CA ARG A 482 23.12 -13.61 50.04
CA LYS A 483 22.66 -16.39 47.48
CA ARG A 484 26.05 -17.72 48.57
CA GLU A 485 25.36 -18.16 52.28
CA GLU A 486 21.56 -18.29 52.16
CA ASN A 487 21.87 -21.26 49.79
CA THR A 488 23.33 -23.39 52.58
CA SER A 489 21.01 -22.36 55.40
CA ASN A 490 17.75 -22.38 53.44
CA GLU A 491 18.38 -26.04 52.63
CA SER A 492 18.67 -27.40 56.17
CA THR A 493 15.89 -25.39 57.80
CA ASP A 494 13.32 -25.89 55.05
CA VAL A 495 13.77 -29.64 54.60
CA THR A 496 13.46 -30.42 58.30
CA LYS A 497 10.17 -28.61 58.89
CA GLY A 498 8.23 -29.64 55.79
CA ASP A 499 4.60 -29.09 54.80
CA SER A 500 3.85 -30.38 51.31
CA LYS A 501 0.80 -28.22 50.56
CA ASN A 502 1.04 -25.10 52.71
CA ALA A 503 1.03 -21.52 51.42
CA LYS A 504 -2.35 -19.80 51.21
CA LYS A 505 -1.72 -16.33 49.78
CA LYS A 506 0.91 -15.85 52.49
CA ASN A 507 0.72 -17.96 55.65
CA ASN A 508 4.38 -18.91 56.03
CA LYS A 509 6.17 -19.91 59.23
CA LYS A 510 9.09 -21.42 57.34
CA THR A 511 7.07 -23.76 55.13
CA SER A 512 7.76 -25.01 51.62
CA LYS A 513 5.67 -25.45 48.47
CA ASN A 514 8.34 -27.48 46.67
CA LYS A 515 10.58 -29.31 49.13
CA SER A 516 14.08 -29.07 47.68
CA SER A 517 13.56 -26.98 44.55
CA LEU A 518 16.81 -25.32 43.47
CA SER A 519 16.54 -22.57 40.88
CA ARG A 520 20.07 -22.33 39.50
CA GLY A 521 19.78 -19.72 36.76
CA ASN A 522 16.75 -17.72 37.88
CA LYS A 523 13.19 -18.88 37.30
CA LYS A 524 10.24 -16.51 37.60
CA LYS A 525 7.71 -18.93 39.07
CA PRO A 526 9.89 -20.85 41.52
CA GLY A 527 8.80 -21.72 45.07
CA MET A 528 8.21 -19.70 48.23
CA PRO A 529 11.82 -18.55 48.35
CA ASN A 530 14.18 -20.83 46.43
CA VAL A 531 16.38 -18.21 44.80
CA SER A 532 17.10 -15.99 47.79
CA ASN A 533 18.67 -13.04 45.98
CA ASP A 534 18.07 -10.33 48.59
CA LEU A 535 16.90 -7.48 46.35
CA SER A 536 15.57 -5.42 49.25
CA GLN A 537 -7.73 -17.06 37.87
CA LYS A 538 -3.94 -16.75 37.86
CA LEU A 539 -3.73 -13.03 37.11
CA TYR A 540 -2.43 -11.70 40.42
CA ALA A 541 -0.11 -14.73 40.71
CA THR A 542 1.42 -14.07 37.27
CA MET A 543 1.76 -10.40 38.12
CA GLU A 544 3.64 -11.25 41.36
CA LYS A 545 6.03 -13.74 39.70
CA HIS A 546 7.29 -11.27 37.12
CA LYS A 547 6.69 -8.05 39.03
CA GLU A 548 10.16 -6.45 39.30
CA VAL A 549 10.49 -6.65 35.50
CA PHE A 550 7.37 -4.59 34.68
CA PHE A 551 7.59 -0.87 35.33
CA VAL A 552 4.47 1.27 35.37
CA ILE A 553 5.26 4.97 35.39
CA ARG A 554 2.77 7.68 36.40
CA LEU A 555 3.45 10.94 34.55
CA ILE A 556 0.12 12.58 35.39
CA ALA A 557 -1.83 11.57 38.49
CA GLY A 558 -5.04 12.05 40.46
CA PRO A 559 -7.98 14.21 39.27
CA ALA A 560 -5.61 16.02 36.88
CA ALA A 561 -5.49 12.81 34.85
CA ASN A 562 -9.22 12.96 34.05
CA SER A 563 -10.04 16.34 32.54
CA LEU A 564 -7.27 16.52 29.92
CA PRO A 565 -7.63 17.82 26.33
CA PRO A 566 -7.05 15.69 23.19
CA ILE A 567 -3.51 14.53 22.59
CA VAL A 568 -2.12 16.07 19.39
CA ASP A 569 1.24 15.13 17.91
CA PRO A 570 2.67 18.32 16.40
CA ASP A 571 5.09 16.11 14.46
CA PRO A 572 3.97 14.75 11.08
CA LEU A 573 4.12 11.14 9.96
CA ILE A 574 7.44 9.83 8.69
CA PRO A 575 7.21 6.69 6.55
CA CYS A 576 10.40 4.66 6.50
CA ASP A 577 10.09 0.96 6.00
CA LEU A 578 13.65 0.38 7.17
CA MET A 579 12.72 1.44 10.74
CA ASP A 580 9.11 0.26 10.89
CA GLY A 581 9.80 -2.09 13.74
CA ARG A 582 13.27 -3.39 14.48
CA ASP A 583 13.58 -6.38 12.21
CA ALA A 584 14.35 -4.48 9.02
CA PHE A 585 17.46 -2.70 10.34
CA LEU A 586 18.78 -5.96 11.76
CA THR A 587 18.16 -7.56 8.36
CA LEU A 588 19.83 -4.70 6.51
CA ALA A 589 22.87 -5.10 8.75
CA ARG A 590 22.93 -8.88 8.45
CA ASP A 591 22.57 -8.44 4.70
CA LYS A 592 25.32 -5.85 4.11
CA HIS A 593 27.83 -7.09 6.72
CA LEU A 594 27.24 -4.06 8.96
CA GLU A 595 28.52 -4.50 12.53
CA PHE A 596 28.56 -2.37 15.66
CA SER A 597 31.37 -4.39 17.19
CA SER A 598 34.25 -1.95 17.13
CA LEU A 599 34.37 1.84 16.80
CA ARG A 600 35.50 1.66 13.16
CA ARG A 601 32.75 -0.74 12.21
CA ALA A 602 30.13 1.22 14.13
CA GLN A 603 31.32 4.29 12.22
CA TRP A 604 30.91 2.54 8.88
CA SER A 605 27.62 0.95 9.84
CA THR A 606 26.42 4.42 10.91
CA MET A 607 27.62 5.79 7.55
CA CYS A 608 25.62 3.08 5.74
CA MET A 609 22.52 3.46 8.00
CA LEU A 610 22.47 7.16 7.11
CA VAL A 611 22.87 6.59 3.37
CA GLU A 612 19.90 4.26 3.64
CA LEU A 613 17.77 6.72 5.61
CA HIS A 614 18.52 9.50 3.13
CA THR A 615 18.17 7.58 -0.15
CA GLN A 616 15.01 5.78 0.85
CA SER A 617 12.84 8.89 0.84
CA GLN A 618 14.29 10.45 -2.34
CA ASP A 619 13.37 8.37 -5.41
CA PRO B 1 0.68 -58.42 -13.01
CA LEU B 2 3.01 -56.94 -10.40
CA SER B 3 6.31 -55.11 -10.80
CA SER B 4 9.41 -55.96 -8.77
CA SER B 5 9.87 -52.26 -8.08
CA VAL B 6 8.21 -48.87 -7.76
CA PRO B 7 9.44 -45.89 -9.76
CA SER B 8 10.49 -42.91 -7.63
CA GLN B 9 8.05 -39.99 -7.79
CA LYS B 10 10.24 -37.42 -6.03
CA THR B 11 10.27 -34.05 -7.72
CA TYR B 12 13.78 -33.32 -9.00
CA GLN B 13 14.33 -30.19 -11.07
CA GLY B 14 17.97 -31.18 -11.55
CA SER B 15 20.74 -29.22 -13.30
CA TYR B 16 18.47 -27.90 -16.04
CA GLY B 17 15.73 -26.57 -13.76
CA PHE B 18 13.09 -28.93 -15.17
CA ARG B 19 9.48 -27.95 -14.36
CA LEU B 20 6.06 -28.77 -15.77
CA GLY B 21 3.41 -26.28 -16.85
CA PHE B 22 -0.25 -26.66 -17.82
CA LEU B 23 -2.89 -24.65 -19.71
CA HIS B 24 -5.45 -22.51 -17.87
CA SER B 25 -8.55 -24.38 -19.08
CA GLY B 26 -11.56 -23.68 -16.89
CA THR B 27 -13.94 -26.19 -15.34
CA ALA B 28 -16.71 -26.35 -17.95
CA LYS B 29 -18.58 -29.59 -17.20
CA SER B 30 -16.98 -31.59 -20.01
CA VAL B 31 -13.87 -29.62 -20.89
CA THR B 32 -11.57 -32.14 -22.60
CA CYS B 33 -8.53 -31.43 -20.41
CA THR B 34 -8.24 -29.20 -17.35
CA TYR B 35 -5.55 -28.94 -14.71
CA SER B 36 -6.04 -28.22 -11.01
CA PRO B 37 -3.17 -26.28 -9.35
CA ALA B 38 -4.82 -26.87 -5.97
CA LEU B 39 -4.67 -30.64 -6.40
CA ASN B 40 -1.73 -30.88 -8.84
CA LYS B 41 -4.15 -33.03 -10.82
CA MET B 42 -5.05 -33.25 -14.48
CA PHE B 43 -8.67 -34.09 -15.35
CA CYS B 44 -9.13 -35.25 -18.93
CA GLN B 45 -11.31 -37.29 -21.29
CA LEU B 46 -10.31 -40.63 -22.80
CA ALA B 47 -8.20 -40.32 -25.97
CA LYS B 48 -8.35 -36.50 -25.89
CA THR B 49 -5.30 -34.25 -26.22
CA CYS B 50 -3.60 -33.45 -22.92
CA PRO B 51 -0.95 -30.75 -23.32
CA VAL B 52 1.92 -30.84 -20.86
CA GLN B 53 4.54 -28.08 -20.98
CA LEU B 54 8.20 -28.79 -20.28
CA TRP B 55 10.04 -25.82 -18.80
CA VAL B 56 13.81 -25.69 -18.27
CA ASP B 57 16.16 -22.98 -17.04
CA SER B 58 18.82 -24.14 -19.50
CA THR B 59 18.82 -26.41 -22.54
CA PRO B 60 19.70 -30.11 -22.00
CA PRO B 61 22.11 -31.76 -24.48
CA PRO B 62 20.97 -33.22 -27.82
CA GLY B 63 19.90 -36.82 -27.28
CA THR B 64 17.97 -35.88 -24.14
CA ARG B 65 14.65 -37.73 -23.97
CA VAL B 66 11.31 -37.21 -22.20
CA ARG B 67 9.58 -40.24 -20.69
CA ALA B 68 6.06 -40.64 -19.26
CA MET B 69 4.95 -43.47 -16.99
CA ALA B 70 1.82 -44.03 -14.88
CA ILE B 71 1.76 -45.60 -11.44
CA TYR B 72 -1.09 -46.10 -8.97
CA LYS B 73 -1.06 -43.35 -6.34
CA GLN B 74 -2.29 -45.47 -3.38
CA SER B 75 0.63 -47.26 -1.73
CA GLN B 76 -1.02 -50.70 -1.71
CA HIS B 77 -1.51 -50.57 -5.50
CA MET B 78 1.90 -49.08 -6.32
CA THR B 79 3.46 -52.38 -7.40
CA GLU B 80 0.63 -53.12 -9.84
CA VAL B 81 1.50 -52.19 -13.42
CA VAL B 82 -0.89 -49.56 -14.80
CA ARG B 83 -2.32 -50.89 -18.07
CA ARG B 84 -5.40 -50.63 -20.27
CA CYS B 85 -8.47 -52.67 -19.42
CA PRO B 86 -9.39 -55.84 -21.34
CA HIS B 87 -12.08 -54.09 -23.36
CA HIS B 88 -10.07 -51.07 -24.53
CA GLU B 89 -7.00 -53.33 -25.04
CA ARG B 90 -9.06 -55.34 -27.53
CA CYS B 91 -10.90 -52.53 -29.30
CA SER B 92 -9.47 -51.33 -32.60
CA ASP B 93 -8.11 -47.90 -31.69
CA SER B 94 -4.34 -48.23 -32.09
CA ASP B 95 -2.80 -45.31 -33.98
CA GLY B 96 -0.36 -47.61 -35.75
CA LEU B 97 2.40 -46.62 -33.34
CA ALA B 98 1.22 -47.45 -29.81
CA PRO B 99 0.84 -51.01 -28.50
CA PRO B 100 -2.80 -51.75 -27.59
CA GLN B 101 -2.17 -52.23 -23.86
CA HIS B 102 -0.36 -48.94 -23.21
CA LEU B 103 -2.42 -46.43 -21.22
CA ILE B 104 -0.37 -43.40 -22.19
CA ARG B 105 0.27 -42.35 -25.77
CA VAL B 106 1.99 -39.36 -27.30
CA GLU B 107 0.11 -37.85 -30.23
CA GLY B 108 1.71 -36.18 -33.24
CA ASN B 109 5.26 -37.47 -32.89
CA LEU B 110 6.81 -39.87 -35.40
CA ARG B 111 9.83 -40.44 -33.16
CA VAL B 112 7.78 -41.79 -30.27
CA GLU B 113 8.97 -45.02 -28.67
CA TYR B 114 6.91 -47.35 -26.49
CA LEU B 115 8.76 -49.43 -23.92
CA ASP B 116 7.70 -52.56 -22.08
CA ASP B 117 10.45 -52.86 -19.48
CA ARG B 118 11.79 -56.42 -19.34
CA ASN B 119 12.81 -56.15 -15.68
CA THR B 120 10.10 -53.97 -14.09
CA PHE B 121 7.27 -54.81 -16.52
CA ARG B 122 6.36 -51.10 -16.59
CA HIS B 123 5.00 -49.43 -19.72
CA SER B 124 6.34 -46.05 -20.76
CA VAL B 125 6.33 -43.70 -23.72
CA VAL B 126 9.40 -41.67 -24.67
CA VAL B 127 10.11 -38.91 -27.19
CA PRO B 128 13.24 -36.87 -27.96
CA TYR B 129 13.40 -33.59 -26.08
CA GLU B 130 13.22 -30.59 -28.42
CA PRO B 131 14.12 -27.11 -27.16
CA PRO B 132 11.64 -24.26 -27.65
CA GLU B 133 11.81 -22.23 -30.85
CA VAL B 134 14.41 -19.46 -30.57
CA GLY B 135 11.63 -17.18 -29.35
CA SER B 136 9.36 -19.56 -27.43
CA ASP B 137 9.86 -20.38 -23.74
CA CYS B 138 8.71 -24.02 -23.33
CA THR B 139 8.15 -27.31 -25.13
CA THR B 140 4.68 -28.85 -25.22
CA ILE B 141 4.07 -32.59 -25.37
CA HIS B 142 0.61 -33.95 -26.13
CA TYR B 143 -0.45 -37.07 -24.27
CA ASN B 144 -3.54 -39.22 -24.70
CA TYR B 145 -4.91 -41.42 -21.92
CA MET B 146 -6.61 -44.46 -23.37
CA CYS B 147 -8.79 -45.70 -20.47
CA ASN B 148 -11.03 -43.96 -17.97
CA SER B 149 -9.89 -44.10 -14.34
CA SER B 150 -13.10 -46.11 -13.78
CA CYS B 151 -12.44 -48.85 -16.39
CA MET B 152 -13.26 -52.18 -14.75
CA GLY B 153 -10.42 -54.68 -15.08
CA GLY B 154 -8.10 -51.72 -15.58
CA MET B 155 -7.53 -48.73 -13.33
CA ASN B 156 -10.87 -49.72 -11.71
CA ARG B 157 -11.41 -46.30 -10.11
CA ARG B 158 -7.92 -46.11 -8.60
CA PRO B 159 -6.15 -42.72 -8.95
CA ILE B 160 -2.84 -42.68 -10.84
CA LEU B 161 0.19 -40.42 -11.07
CA THR B 162 1.89 -39.60 -14.30
CA ILE B 163 5.66 -39.38 -13.81
CA ILE B 164 7.53 -37.28 -16.37
CA THR B 165 11.29 -37.85 -16.49
CA LEU B 166 13.99 -35.91 -18.33
CA GLU B 167 16.64 -38.42 -19.34
CA ASP B 168 19.89 -38.47 -21.28
CA SER B 169 20.37 -40.71 -24.32
CA SER B 170 21.06 -43.69 -22.04
CA GLY B 171 18.19 -43.38 -19.59
CA ASN B 172 20.07 -41.40 -16.94
CA LEU B 173 17.95 -39.27 -14.65
CA LEU B 174 18.24 -35.58 -15.50
CA GLY B 175 15.01 -34.43 -13.87
CA ARG B 176 11.61 -35.61 -12.67
CA ASN B 177 8.15 -34.19 -12.08
CA SER B 178 4.70 -35.71 -11.62
CA PHE B 179 1.00 -34.99 -11.44
CA GLU B 180 -2.14 -36.90 -10.53
CA VAL B 181 -4.52 -37.86 -13.33
CA ARG B 182 -8.22 -38.60 -13.47
CA VAL B 183 -9.48 -39.77 -16.85
CA CYS B 184 -13.23 -39.27 -16.85
CA ALA B 185 -16.29 -38.30 -18.92
CA CYS B 186 -16.82 -34.89 -17.26
CA PRO B 187 -13.45 -33.30 -16.30
CA GLY B 188 -14.93 -29.91 -15.31
CA ARG B 189 -17.65 -31.43 -13.14
CA ASP B 190 -15.19 -33.79 -11.45
CA ARG B 191 -12.51 -31.15 -10.93
CA ARG B 192 -14.94 -28.82 -9.21
CA THR B 193 -16.25 -31.66 -7.02
CA GLU B 194 -12.78 -32.65 -5.80
CA GLU B 195 -11.81 -29.00 -5.23
CA GLU B 196 -14.99 -28.41 -3.19
CA ASN B 197 -14.26 -31.55 -1.14
CA LEU B 198 -10.94 -30.02 -0.14
CA ARG B 199 -12.98 -27.77 2.13
CA LYS B 200 -14.66 -30.85 3.63
CA GLY B 234 -11.82 -1.08 -26.29
CA GLU B 235 -12.26 2.57 -25.26
CA TYR B 236 -10.39 4.05 -22.28
CA PHE B 237 -11.96 5.46 -19.11
CA THR B 238 -10.39 7.30 -16.20
CA LEU B 239 -11.19 6.78 -12.57
CA GLN B 240 -10.31 9.28 -9.87
CA ILE B 241 -9.04 7.56 -6.74
CA ARG B 242 -8.41 9.02 -3.30
CA GLY B 243 -5.24 7.98 -1.45
CA ARG B 244 -1.84 6.79 -2.65
CA GLU B 245 -2.15 3.33 -1.12
CA ARG B 246 -5.56 2.77 -2.71
CA PHE B 247 -4.25 4.12 -6.02
CA GLU B 248 -1.33 1.70 -5.88
CA MET B 249 -3.65 -1.17 -5.15
CA PHE B 250 -5.89 -0.38 -8.16
CA ARG B 251 -2.85 0.21 -10.40
CA GLU B 252 -1.48 -3.23 -9.46
CA LEU B 253 -4.84 -4.86 -10.19
CA ASN B 254 -5.18 -3.07 -13.52
CA GLU B 255 -1.65 -3.99 -14.66
CA ALA B 256 -2.25 -7.65 -13.72
CA LEU B 257 -5.47 -7.76 -15.77
CA GLU B 258 -3.67 -6.16 -18.72
CA LEU B 259 -0.83 -8.69 -18.45
CA LYS B 260 -3.41 -11.44 -18.45
CA ASP B 261 -5.14 -10.03 -21.52
CA ALA B 262 -1.82 -9.68 -23.35
CA GLN B 263 -1.50 -13.48 -23.35
CA ALA B 264 -3.99 -13.91 -26.18
CA GLY B 265 -2.90 -11.38 -28.77
CA PRO C 1 0.23 -38.73 -43.18
CA LEU C 2 2.67 -37.22 -40.67
CA SER C 3 5.86 -35.26 -41.23
CA SER C 4 9.11 -36.03 -39.39
CA SER C 5 9.48 -32.33 -38.61
CA VAL C 6 7.69 -29.02 -38.16
CA PRO C 7 8.70 -25.94 -40.16
CA SER C 8 9.76 -22.99 -38.02
CA GLN C 9 7.22 -20.16 -37.94
CA LYS C 10 9.41 -17.54 -36.27
CA THR C 11 9.23 -14.13 -37.89
CA TYR C 12 12.62 -13.24 -39.35
CA GLN C 13 12.92 -10.04 -41.36
CA GLY C 14 16.56 -10.86 -42.08
CA SER C 15 19.14 -8.78 -43.96
CA TYR C 16 16.65 -7.50 -46.52
CA GLY C 17 14.02 -6.31 -44.02
CA PHE C 18 11.39 -8.71 -45.33
CA ARG C 19 7.80 -7.90 -44.32
CA LEU C 20 4.33 -8.85 -45.53
CA GLY C 21 1.53 -6.46 -46.40
CA PHE C 22 -2.17 -6.94 -47.18
CA LEU C 23 -5.00 -5.02 -48.86
CA HIS C 24 -7.51 -2.99 -46.82
CA SER C 25 -10.61 -4.94 -47.89
CA GLY C 26 -13.53 -4.43 -45.50
CA THR C 27 -15.78 -7.05 -43.90
CA ALA C 28 -18.80 -7.14 -46.21
CA LYS C 29 -20.90 -9.85 -47.81
CA SER C 30 -19.48 -10.67 -51.25
CA VAL C 31 -15.91 -10.18 -50.02
CA THR C 32 -13.57 -12.85 -51.38
CA CYS C 33 -10.42 -11.97 -49.39
CA THR C 34 -10.05 -9.80 -46.29
CA TYR C 35 -7.20 -9.50 -43.80
CA SER C 36 -7.51 -8.86 -40.08
CA PRO C 37 -4.58 -6.86 -38.55
CA ALA C 38 -5.98 -7.58 -35.08
CA LEU C 39 -5.71 -11.34 -35.61
CA ASN C 40 -2.95 -11.39 -38.26
CA LYS C 41 -5.40 -13.63 -40.11
CA MET C 42 -6.51 -13.79 -43.72
CA PHE C 43 -10.14 -14.75 -44.40
CA CYS C 44 -10.74 -15.87 -47.97
CA GLN C 45 -12.99 -17.90 -50.25
CA LEU C 46 -11.96 -21.16 -51.90
CA ALA C 47 -10.07 -20.70 -55.18
CA LYS C 48 -10.35 -16.88 -54.97
CA THR C 49 -7.42 -14.51 -55.42
CA CYS C 50 -5.54 -13.74 -52.22
CA PRO C 51 -3.02 -10.92 -52.73
CA VAL C 52 -0.02 -10.96 -50.42
CA GLN C 53 2.49 -8.12 -50.63
CA LEU C 54 6.20 -8.70 -50.16
CA TRP C 55 8.01 -5.68 -48.72
CA VAL C 56 11.80 -5.41 -48.41
CA ASP C 57 14.12 -2.62 -47.26
CA SER C 58 16.66 -3.65 -49.90
CA THR C 59 16.59 -5.85 -53.00
CA PRO C 60 17.62 -9.52 -52.60
CA PRO C 61 19.93 -11.02 -55.25
CA PRO C 62 18.67 -12.46 -58.55
CA GLY C 63 17.74 -16.10 -58.04
CA THR C 64 15.98 -15.33 -54.77
CA ARG C 65 12.76 -17.31 -54.44
CA VAL C 66 9.51 -16.93 -52.49
CA ARG C 67 7.99 -20.05 -50.93
CA ALA C 68 4.58 -20.60 -49.32
CA MET C 69 3.70 -23.54 -47.06
CA ALA C 70 0.74 -24.27 -44.78
CA ILE C 71 0.92 -25.94 -41.37
CA TYR C 72 -1.75 -26.60 -38.74
CA LYS C 73 -1.68 -23.89 -36.07
CA GLN C 74 -2.64 -26.10 -33.10
CA SER C 75 0.45 -27.82 -31.67
CA GLN C 76 -1.04 -31.32 -31.61
CA HIS C 77 -1.76 -31.13 -35.35
CA MET C 78 1.51 -29.49 -36.37
CA THR C 79 3.12 -32.71 -37.62
CA GLU C 80 0.16 -33.51 -39.89
CA VAL C 81 0.80 -32.44 -43.47
CA VAL C 82 -1.75 -29.89 -44.68
CA ARG C 83 -3.34 -31.18 -47.89
CA ARG C 84 -6.57 -31.03 -49.89
CA CYS C 85 -9.51 -33.21 -48.80
CA PRO C 86 -10.37 -36.35 -50.83
CA HIS C 87 -13.24 -34.66 -52.65
CA HIS C 88 -11.33 -31.59 -53.90
CA GLU C 89 -8.29 -33.72 -54.59
CA ARG C 90 -10.44 -35.72 -57.03
CA CYS C 91 -12.50 -32.95 -58.61
CA SER C 92 -11.32 -31.62 -61.94
CA ASP C 93 -10.03 -28.16 -61.06
CA SER C 94 -6.28 -28.35 -61.69
CA ASP C 95 -4.97 -25.32 -63.59
CA GLY C 96 -2.56 -27.50 -65.55
CA LEU C 97 0.29 -26.44 -63.30
CA ALA C 98 -0.63 -27.38 -59.72
CA PRO C 99 -0.80 -30.99 -58.48
CA PRO C 100 -4.36 -31.91 -57.38
CA GLN C 101 -3.47 -32.42 -53.69
CA HIS C 102 -1.77 -29.06 -53.07
CA LEU C 103 -3.78 -26.68 -50.91
CA ILE C 104 -1.90 -23.55 -51.94
CA ARG C 105 -1.52 -22.40 -55.54
CA VAL C 106 -0.01 -19.30 -57.08
CA GLU C 107 -2.12 -17.82 -59.86
CA GLY C 108 -0.74 -16.02 -62.90
CA ASN C 109 2.86 -17.18 -62.80
CA LEU C 110 4.34 -19.48 -65.45
CA ARG C 111 7.50 -19.96 -63.40
CA VAL C 112 5.65 -21.47 -60.42
CA GLU C 113 7.06 -24.68 -58.97
CA TYR C 114 5.24 -27.14 -56.73
CA LEU C 115 7.32 -29.21 -54.34
CA ASP C 116 6.49 -32.41 -52.51
CA ASP C 117 9.40 -32.66 -50.08
CA ARG C 118 10.88 -36.17 -50.10
CA ASN C 119 12.10 -35.92 -46.51
CA THR C 120 9.41 -33.89 -44.72
CA PHE C 121 6.47 -34.79 -46.99
CA ARG C 122 5.42 -31.12 -46.91
CA HIS C 123 3.83 -29.44 -49.92
CA SER C 124 4.96 -25.98 -50.97
CA VAL C 125 4.70 -23.56 -53.86
CA VAL C 126 7.62 -21.41 -54.95
CA VAL C 127 8.08 -18.57 -57.42
CA PRO C 128 11.09 -16.39 -58.33
CA TYR C 129 11.24 -13.14 -56.37
CA GLU C 130 10.80 -10.12 -58.63
CA PRO C 131 11.63 -6.63 -57.33
CA PRO C 132 8.53 -4.34 -57.26
CA GLU C 133 7.12 -2.77 -60.42
CA VAL C 134 7.58 0.94 -61.17
CA GLY C 135 5.42 2.89 -58.72
CA SER C 136 4.97 0.16 -56.11
CA ASP C 137 7.02 -0.25 -52.94
CA CYS C 138 5.99 -3.93 -52.82
CA THR C 139 5.80 -7.10 -54.94
CA THR C 140 2.40 -8.77 -54.90
CA ILE C 141 1.90 -12.53 -55.10
CA HIS C 142 -1.52 -14.00 -55.71
CA TYR C 143 -2.36 -17.17 -53.84
CA ASN C 144 -5.39 -19.43 -54.15
CA TYR C 145 -6.49 -21.75 -51.34
CA MET C 146 -8.16 -24.85 -52.77
CA CYS C 147 -10.11 -26.24 -49.76
CA ASN C 148 -12.28 -24.64 -47.11
CA SER C 149 -10.92 -24.82 -43.56
CA SER C 150 -14.01 -26.96 -42.88
CA CYS C 151 -13.41 -29.65 -45.55
CA MET C 152 -14.02 -33.03 -43.97
CA GLY C 153 -11.11 -35.41 -44.49
CA GLY C 154 -8.92 -32.34 -45.06
CA MET C 155 -8.34 -29.39 -42.76
CA ASN C 156 -11.52 -30.54 -41.01
CA ARG C 157 -12.11 -27.16 -39.28
CA ARG C 158 -8.56 -26.84 -37.94
CA PRO C 159 -6.91 -23.41 -38.38
CA ILE C 160 -3.73 -23.20 -40.45
CA LEU C 161 -0.80 -20.81 -40.79
CA THR C 162 0.68 -19.84 -44.09
CA ILE C 163 4.46 -19.49 -43.82
CA ILE C 164 6.07 -17.28 -46.47
CA THR C 165 9.84 -17.69 -46.79
CA LEU C 166 12.31 -15.63 -48.79
CA GLU C 167 14.97 -18.11 -49.96
CA ASP C 168 18.29 -18.10 -51.82
CA SER C 169 19.26 -20.47 -54.62
CA SER C 170 20.27 -23.44 -52.43
CA GLY C 171 17.08 -22.90 -50.46
CA ASN C 172 18.79 -21.26 -47.48
CA LEU C 173 16.77 -18.88 -45.32
CA LEU C 174 16.77 -15.17 -46.16
CA GLY C 175 13.60 -14.19 -44.32
CA ARG C 176 10.34 -15.53 -42.91
CA ASN C 177 6.85 -14.26 -42.13
CA SER C 178 3.50 -15.93 -41.50
CA PHE C 179 -0.23 -15.34 -41.09
CA GLU C 180 -3.24 -17.37 -40.03
CA VAL C 181 -5.74 -18.41 -42.69
CA ARG C 182 -9.42 -19.28 -42.65
CA VAL C 183 -10.80 -20.45 -45.97
CA CYS C 184 -14.58 -20.10 -45.78
CA ALA C 185 -17.80 -19.18 -47.59
CA CYS C 186 -18.34 -15.83 -45.84
CA PRO C 187 -14.98 -14.12 -45.04
CA GLY C 188 -16.53 -10.81 -43.91
CA ARG C 189 -19.03 -12.49 -41.62
CA ASP C 190 -16.41 -14.77 -40.11
CA ARG C 191 -13.79 -12.02 -39.70
CA ARG C 192 -16.20 -9.83 -37.78
CA THR C 193 -17.25 -12.74 -35.59
CA GLU C 194 -13.68 -13.64 -34.57
CA GLU C 195 -12.81 -9.97 -34.00
CA GLU C 196 -15.89 -9.57 -31.76
CA ASN C 197 -14.95 -12.72 -29.83
CA LEU C 198 -11.64 -11.08 -29.00
CA ARG C 199 -13.62 -8.95 -26.55
CA LYS C 200 -15.10 -12.13 -25.03
CA GLY C 234 3.46 -17.63 1.57
CA GLU C 235 0.61 -19.21 3.56
CA TYR C 236 -2.87 -19.69 2.07
CA PHE C 237 -6.08 -18.09 3.31
CA THR C 238 -9.67 -18.65 2.26
CA LEU C 239 -12.28 -16.02 1.77
CA GLN C 240 -15.98 -16.73 1.67
CA ILE C 241 -17.75 -14.72 -1.03
CA ARG C 242 -21.46 -14.24 -1.64
CA GLY C 243 -22.72 -14.39 -5.21
CA ARG C 244 -21.44 -16.13 -8.33
CA GLU C 245 -20.73 -12.93 -10.24
CA ARG C 246 -18.74 -11.48 -7.33
CA PHE C 247 -16.92 -14.79 -6.91
CA GLU C 248 -15.99 -14.78 -10.59
CA MET C 249 -14.73 -11.24 -10.34
CA PHE C 250 -12.48 -12.06 -7.36
CA ARG C 251 -11.28 -15.29 -9.00
CA GLU C 252 -10.27 -13.33 -12.13
CA LEU C 253 -8.41 -10.78 -10.03
CA ASN C 254 -6.64 -13.47 -8.03
CA GLU C 255 -5.56 -15.42 -11.11
CA ALA C 256 -4.23 -12.24 -12.74
CA LEU C 257 -2.12 -11.42 -9.65
CA GLU C 258 -0.80 -14.98 -9.59
CA LEU C 259 0.10 -14.79 -13.30
CA LYS C 260 1.91 -11.56 -12.59
CA ASP C 261 3.83 -13.10 -9.70
CA ALA C 262 4.78 -16.12 -11.80
CA GLN C 263 6.88 -13.83 -14.02
CA ALA C 264 9.71 -13.61 -11.51
CA GLY C 265 10.31 -17.21 -10.46
CA PRO D 1 -46.56 -6.69 31.19
CA LEU D 2 -47.31 -8.60 27.98
CA SER D 3 -49.00 -7.50 24.77
CA SER D 4 -51.76 -9.49 23.08
CA SER D 5 -49.97 -9.07 19.77
CA VAL D 6 -46.67 -8.44 18.04
CA PRO D 7 -46.22 -5.57 15.58
CA SER D 8 -45.14 -6.65 12.09
CA GLN D 9 -41.52 -5.80 11.30
CA LYS D 10 -41.64 -6.58 7.57
CA THR D 11 -39.97 -3.95 5.40
CA TYR D 12 -42.59 -2.32 3.18
CA GLN D 13 -41.54 0.63 1.03
CA GLY D 14 -45.13 1.00 -0.16
CA SER D 15 -46.51 3.42 -2.78
CA TYR D 16 -44.25 6.29 -1.72
CA GLY D 17 -40.98 4.34 -1.83
CA PHE D 18 -40.35 4.86 1.88
CA ARG D 19 -36.75 4.14 2.99
CA LEU D 20 -34.59 5.04 6.00
CA GLY D 21 -31.14 6.65 5.86
CA PHE D 22 -28.49 7.24 8.55
CA LEU D 23 -25.43 9.49 9.02
CA HIS D 24 -21.89 8.22 8.34
CA SER D 25 -20.58 8.65 11.90
CA GLY D 26 -17.45 6.56 12.48
CA THR D 27 -16.69 4.33 15.43
CA ALA D 28 -14.71 6.54 17.81
CA LYS D 29 -15.06 4.93 21.22
CA SER D 30 -17.81 7.24 22.50
CA VAL D 31 -19.38 8.64 19.32
CA THR D 32 -22.88 9.68 20.44
CA CYS D 33 -24.74 7.83 17.67
CA THR D 34 -23.35 5.56 14.98
CA TYR D 35 -25.04 3.29 12.50
CA SER D 36 -23.78 -0.06 11.20
CA PRO D 37 -24.81 -0.90 7.60
CA ALA D 38 -23.40 -4.40 8.08
CA LEU D 39 -25.70 -5.09 11.03
CA ASN D 40 -28.53 -2.64 10.19
CA LYS D 41 -28.03 -1.54 13.79
CA MET D 42 -27.84 1.83 15.47
CA PHE D 43 -25.48 2.22 18.43
CA CYS D 44 -26.25 5.28 20.57
CA GLN D 45 -25.88 6.81 24.03
CA LEU D 46 -28.77 7.30 26.45
CA ALA D 47 -30.74 10.51 25.87
CA LYS D 48 -28.45 11.58 22.99
CA THR D 49 -29.69 12.70 19.58
CA CYS D 50 -30.22 9.90 17.09
CA PRO D 51 -30.92 11.23 13.59
CA VAL D 52 -32.98 9.03 11.32
CA GLN D 53 -33.58 10.13 7.73
CA LEU D 54 -36.89 9.48 6.01
CA TRP D 55 -36.55 9.04 2.24
CA VAL D 56 -39.48 8.79 -0.15
CA ASP D 57 -39.72 8.54 -3.95
CA SER D 58 -42.84 10.70 -3.88
CA THR D 59 -44.49 12.93 -1.30
CA PRO D 60 -47.24 11.38 0.88
CA PRO D 61 -50.43 13.40 1.47
CA PRO D 62 -50.73 16.11 4.17
CA GLY D 63 -51.83 14.49 7.43
CA THR D 64 -49.35 11.64 6.94
CA ARG D 65 -47.64 10.69 10.21
CA VAL D 66 -44.42 8.99 11.26
CA ARG D 67 -44.52 6.54 14.17
CA ALA D 68 -41.71 4.85 16.08
CA MET D 69 -42.10 1.76 18.28
CA ALA D 70 -39.59 -0.57 19.93
CA ILE D 71 -40.00 -4.33 20.28
CA TYR D 72 -37.67 -7.03 21.58
CA LYS D 73 -35.79 -8.73 18.75
CA GLN D 74 -35.62 -12.21 20.30
CA SER D 75 -38.80 -14.15 19.54
CA GLN D 76 -39.40 -15.28 23.12
CA HIS D 77 -39.41 -11.66 24.34
CA MET D 78 -41.45 -10.24 21.46
CA THR D 79 -44.73 -10.09 23.40
CA GLU D 80 -43.13 -8.14 26.26
CA VAL D 81 -43.75 -4.41 26.01
CA VAL D 82 -40.50 -2.43 25.75
CA ARG D 83 -40.48 0.22 28.47
CA ARG D 84 -38.10 2.21 30.69
CA CYS D 85 -36.55 0.62 33.76
CA PRO D 86 -37.94 1.43 37.24
CA HIS D 87 -35.01 3.71 38.00
CA HIS D 88 -35.17 5.88 34.88
CA GLU D 89 -38.96 5.84 34.98
CA ARG D 90 -38.70 7.50 38.39
CA CYS D 91 -35.84 9.91 37.77
CA SER D 92 -36.74 13.50 36.92
CA ASP D 93 -35.80 13.74 33.25
CA SER D 94 -39.11 14.23 31.46
CA ASP D 95 -38.96 16.99 28.83
CA GLY D 96 -42.48 18.12 29.70
CA LEU D 97 -43.84 16.29 26.67
CA ALA D 98 -42.90 12.64 27.05
CA PRO D 99 -44.43 10.27 29.61
CA PRO D 100 -41.78 8.98 32.08
CA GLN D 101 -42.11 5.34 31.03
CA HIS D 102 -41.63 5.78 27.27
CA LEU D 103 -38.30 4.49 25.96
CA ILE D 104 -38.38 6.45 22.71
CA ARG D 105 -38.77 10.21 22.53
CA VAL D 106 -38.66 12.64 19.65
CA GLU D 107 -36.66 15.77 20.40
CA GLY D 108 -37.43 19.22 19.02
CA ASN D 109 -41.01 18.72 17.86
CA LEU D 110 -43.93 20.50 19.50
CA ARG D 111 -46.42 18.35 17.59
CA VAL D 112 -45.14 15.08 19.05
CA GLU D 113 -47.72 12.66 20.40
CA TYR D 114 -47.11 9.78 22.77
CA LEU D 115 -49.45 6.83 22.60
CA ASP D 116 -50.11 4.09 25.10
CA ASP D 117 -52.21 1.69 23.02
CA ARG D 118 -55.29 0.58 24.96
CA ASN D 119 -55.51 -2.77 23.15
CA THR D 120 -51.88 -3.78 22.58
CA PHE D 121 -50.34 -1.91 25.54
CA ARG D 122 -47.52 -0.79 23.22
CA HIS D 123 -45.86 2.61 23.58
CA SER D 124 -45.18 4.70 20.52
CA VAL D 125 -44.22 8.20 19.54
CA VAL D 126 -45.68 9.89 16.45
CA VAL D 127 -45.06 13.16 14.63
CA PRO D 128 -46.54 14.68 11.45
CA TYR D 129 -44.56 13.87 8.33
CA GLU D 130 -43.02 16.97 6.74
CA PRO D 131 -41.63 16.85 3.20
CA PRO D 132 -38.17 18.33 2.63
CA GLU D 133 -37.90 21.67 0.78
CA VAL D 134 -37.80 20.96 -2.98
CA GLY D 135 -34.04 21.32 -2.86
CA SER D 136 -33.34 18.86 -0.03
CA ASP D 137 -33.80 15.12 -0.48
CA CYS D 138 -34.90 13.72 2.88
CA THR D 139 -36.59 14.54 6.20
CA THR D 140 -34.68 13.93 9.44
CA ILE D 141 -36.33 12.93 12.70
CA HIS D 142 -34.36 13.03 15.94
CA TYR D 143 -35.00 10.26 18.45
CA ASN D 144 -33.75 9.92 22.01
CA TYR D 145 -33.53 6.52 23.69
CA MET D 146 -34.06 6.90 27.45
CA CYS D 147 -32.56 3.67 28.89
CA ASN D 148 -29.44 1.67 28.13
CA SER D 149 -30.00 -1.77 26.59
CA SER D 150 -28.45 -3.06 29.83
CA CYS D 151 -30.83 -1.38 32.35
CA MET D 152 -31.88 -3.99 34.90
CA GLY D 153 -35.65 -4.27 35.26
CA GLY D 154 -35.92 -2.76 31.78
CA MET D 155 -34.41 -4.00 28.53
CA ASN D 156 -32.06 -6.02 30.77
CA ARG D 157 -29.47 -6.55 28.00
CA ARG D 158 -32.02 -7.75 25.43
CA PRO D 159 -31.62 -6.31 21.90
CA ILE D 160 -34.51 -4.30 20.46
CA LEU D 161 -35.74 -3.24 17.07
CA THR D 162 -37.10 0.17 16.31
CA ILE D 163 -39.98 -0.02 13.84
CA ILE D 164 -40.67 3.16 11.87
CA THR D 165 -44.04 3.34 10.14
CA LEU D 166 -45.45 5.92 7.74
CA GLU D 167 -49.22 6.31 8.36
CA ASP D 168 -52.09 8.28 6.91
CA SER D 169 -54.19 10.55 9.10
CA SER D 170 -56.35 7.61 10.25
CA GLY D 171 -53.27 5.59 11.22
CA ASN D 172 -53.47 3.21 8.24
CA LEU D 173 -50.19 1.71 7.01
CA LEU D 174 -48.31 3.48 4.20
CA GLY D 175 -44.84 2.07 4.68
CA ARG D 176 -42.57 0.40 7.22
CA ASN D 177 -38.88 0.03 7.95
CA SER D 178 -36.85 -1.07 10.97
CA PHE D 179 -33.40 -1.25 12.50
CA GLU D 180 -31.80 -2.86 15.51
CA VAL D 181 -30.75 -0.60 18.40
CA ARG D 182 -28.16 -0.88 21.15
CA VAL D 183 -28.24 1.90 23.71
CA CYS D 184 -24.90 1.88 25.50
CA ALA D 185 -22.12 3.97 27.02
CA CYS D 186 -19.56 3.37 24.26
CA PRO D 187 -21.28 3.08 20.85
CA GLY D 188 -18.04 3.06 18.80
CA ARG D 189 -16.40 0.37 20.96
CA ASP D 190 -19.51 -1.78 20.93
CA ARG D 191 -20.16 -1.38 17.21
CA ARG D 192 -16.63 -2.47 16.32
CA THR D 193 -16.92 -5.44 18.71
CA GLU D 194 -20.15 -6.72 17.13
CA GLU D 195 -18.84 -6.16 13.57
CA GLU D 196 -15.64 -8.07 14.42
CA ASN D 197 -17.71 -10.93 15.85
CA LEU D 198 -19.45 -11.23 12.49
CA ARG D 199 -16.22 -12.82 11.27
CA LYS D 200 -16.39 -15.27 14.19
CA GLY D 234 -5.54 12.41 0.94
CA GLU D 235 -4.44 13.45 -2.57
CA TYR D 236 -6.27 12.23 -5.69
CA PHE D 237 -4.81 10.08 -8.46
CA THR D 238 -6.26 9.04 -11.79
CA LEU D 239 -6.01 5.65 -13.35
CA GLN D 240 -6.63 4.98 -17.02
CA ILE D 241 -8.61 1.78 -17.57
CA ARG D 242 -9.29 -0.09 -20.79
CA GLY D 243 -12.80 -1.45 -21.36
CA ARG D 244 -16.22 -0.39 -20.09
CA GLU D 245 -16.85 -3.57 -18.13
CA ARG D 246 -13.48 -3.32 -16.37
CA PHE D 247 -14.08 0.38 -15.73
CA GLU D 248 -17.45 -0.41 -14.17
CA MET D 249 -15.91 -3.06 -11.99
CA PHE D 250 -13.23 -0.67 -10.67
CA ARG D 251 -15.77 2.14 -10.20
CA GLU D 252 -17.95 -0.19 -8.10
CA LEU D 253 -14.97 -1.21 -5.98
CA ASN D 254 -13.88 2.39 -5.49
CA GLU D 255 -17.36 3.58 -4.50
CA ALA D 256 -17.69 0.73 -2.00
CA LEU D 257 -14.35 1.63 -0.36
CA GLU D 258 -15.42 5.28 -0.19
CA LEU D 259 -18.75 4.30 1.39
CA LYS D 260 -16.85 2.26 3.93
CA ASP D 261 -14.51 5.15 4.73
CA ALA D 262 -17.44 7.54 5.10
CA GLN D 263 -18.58 5.56 8.16
CA ALA D 264 -15.94 7.07 10.41
CA GLY D 265 -16.15 10.80 9.70
CA PRO E 1 -39.04 27.12 23.89
CA LEU E 2 -39.79 25.29 20.65
CA SER E 3 -41.47 26.49 17.47
CA SER E 4 -44.21 24.50 15.74
CA SER E 5 -42.40 24.98 12.44
CA VAL E 6 -39.08 25.60 10.75
CA PRO E 7 -38.61 28.50 8.33
CA SER E 8 -37.52 27.46 4.84
CA GLN E 9 -33.89 28.31 4.06
CA LYS E 10 -33.98 27.58 0.32
CA THR E 11 -32.30 30.23 -1.79
CA TYR E 12 -34.89 31.93 -3.99
CA GLN E 13 -33.80 34.89 -6.10
CA GLY E 14 -37.38 35.32 -7.30
CA SER E 15 -38.73 37.79 -9.89
CA TYR E 16 -36.47 40.62 -8.76
CA GLY E 17 -33.20 38.69 -8.89
CA PHE E 18 -32.58 39.09 -5.17
CA ARG E 19 -28.99 38.36 -4.04
CA LEU E 20 -26.84 39.21 -1.02
CA GLY E 21 -23.40 40.83 -1.08
CA PHE E 22 -20.77 41.32 1.64
CA LEU E 23 -17.70 43.53 2.16
CA HIS E 24 -14.16 42.24 1.47
CA SER E 25 -12.87 42.59 5.04
CA GLY E 26 -9.75 40.50 5.63
CA THR E 27 -8.90 38.38 8.68
CA ALA E 28 -6.75 40.75 10.76
CA LYS E 29 -7.95 38.95 13.92
CA SER E 30 -9.11 42.23 15.46
CA VAL E 31 -11.57 42.61 12.58
CA THR E 32 -15.14 43.23 13.76
CA CYS E 33 -17.05 41.71 10.83
CA THR E 34 -15.62 39.52 8.07
CA TYR E 35 -17.36 37.29 5.53
CA SER E 36 -16.07 33.96 4.18
CA PRO E 37 -17.11 33.19 0.57
CA ALA E 38 -15.72 29.66 0.99
CA LEU E 39 -18.06 28.94 3.89
CA ASN E 40 -20.85 31.44 3.04
CA LYS E 41 -20.37 32.44 6.69
CA MET E 42 -20.17 35.78 8.46
CA PHE E 43 -17.84 36.10 11.45
CA CYS E 44 -18.59 39.10 13.65
CA GLN E 45 -18.25 40.58 17.12
CA LEU E 46 -21.15 41.08 19.53
CA ALA E 47 -23.06 44.32 18.98
CA LYS E 48 -20.74 45.37 16.13
CA THR E 49 -21.98 46.60 12.74
CA CYS E 50 -22.53 43.83 10.20
CA PRO E 51 -23.19 45.25 6.72
CA VAL E 52 -25.26 43.10 4.40
CA GLN E 53 -25.86 44.24 0.84
CA LEU E 54 -29.14 43.63 -0.92
CA TRP E 55 -28.76 43.27 -4.70
CA VAL E 56 -31.69 43.08 -7.13
CA ASP E 57 -31.90 42.91 -10.93
CA SER E 58 -35.02 45.07 -10.84
CA THR E 59 -36.70 47.28 -8.25
CA PRO E 60 -39.44 45.68 -6.10
CA PRO E 61 -42.64 47.70 -5.50
CA PRO E 62 -42.98 50.35 -2.77
CA GLY E 63 -44.08 48.64 0.45
CA THR E 64 -41.63 45.79 -0.07
CA ARG E 65 -39.93 44.85 3.21
CA VAL E 66 -36.73 43.09 4.24
CA ARG E 67 -36.83 40.61 7.11
CA ALA E 68 -34.03 38.87 9.02
CA MET E 69 -34.46 35.78 11.18
CA ALA E 70 -31.99 33.38 12.79
CA ILE E 71 -32.40 29.62 13.07
CA TYR E 72 -30.08 26.92 14.34
CA LYS E 73 -28.20 25.25 11.49
CA GLN E 74 -28.08 21.71 12.96
CA SER E 75 -31.28 19.82 12.16
CA GLN E 76 -31.90 18.63 15.72
CA HIS E 77 -31.90 22.24 16.99
CA MET E 78 -33.89 23.73 14.12
CA THR E 79 -37.19 23.89 16.04
CA GLU E 80 -35.62 25.74 18.97
CA VAL E 81 -36.20 29.49 18.76
CA VAL E 82 -32.96 31.46 18.54
CA ARG E 83 -32.91 34.05 21.33
CA ARG E 84 -30.53 35.96 23.60
CA CYS E 85 -29.07 34.26 26.66
CA PRO E 86 -30.44 35.09 30.14
CA HIS E 87 -27.49 37.35 30.92
CA HIS E 88 -27.60 39.49 27.78
CA GLU E 89 -31.39 39.52 27.94
CA ARG E 90 -31.16 41.15 31.38
CA CYS E 91 -28.26 43.55 30.83
CA SER E 92 -29.12 47.15 30.04
CA ASP E 93 -28.16 47.44 26.37
CA SER E 94 -31.46 47.99 24.56
CA ASP E 95 -31.28 50.78 21.99
CA GLY E 96 -34.79 51.95 22.84
CA LEU E 97 -36.17 50.17 19.79
CA ALA E 98 -35.26 46.48 20.09
CA PRO E 99 -36.82 44.11 22.64
CA PRO E 100 -34.18 42.76 25.08
CA GLN E 101 -34.53 39.13 23.96
CA HIS E 102 -34.00 39.65 20.22
CA LEU E 103 -30.70 38.34 18.91
CA ILE E 104 -30.71 40.36 15.70
CA ARG E 105 -31.09 44.13 15.55
CA VAL E 106 -30.95 46.64 12.73
CA GLU E 107 -28.95 49.74 13.52
CA GLY E 108 -29.63 53.20 12.16
CA ASN E 109 -33.22 52.77 10.98
CA LEU E 110 -36.15 54.52 12.67
CA ARG E 111 -38.64 52.42 10.71
CA VAL E 112 -37.39 49.11 12.09
CA GLU E 113 -40.02 46.72 13.43
CA TYR E 114 -39.43 43.77 15.76
CA LEU E 115 -41.81 40.83 15.54
CA ASP E 116 -42.50 38.05 17.99
CA ASP E 117 -44.61 35.71 15.86
CA ARG E 118 -47.70 34.56 17.75
CA ASN E 119 -47.94 31.28 15.88
CA THR E 120 -44.31 30.23 15.33
CA PHE E 121 -42.78 32.05 18.33
CA ARG E 122 -39.91 33.17 16.06
CA HIS E 123 -38.25 36.56 16.47
CA SER E 124 -37.49 38.69 13.44
CA VAL E 125 -36.52 42.22 12.50
CA VAL E 126 -37.99 43.96 9.45
CA VAL E 127 -37.32 47.23 7.65
CA PRO E 128 -38.81 48.80 4.51
CA TYR E 129 -36.83 48.02 1.38
CA GLU E 130 -35.24 51.14 -0.13
CA PRO E 131 -33.80 51.10 -3.66
CA PRO E 132 -30.10 52.01 -3.67
CA GLU E 133 -29.15 55.66 -3.27
CA VAL E 134 -28.57 57.17 -6.73
CA GLY E 135 -25.00 56.24 -7.68
CA SER E 136 -25.16 52.99 -5.71
CA ASP E 137 -25.84 49.49 -7.04
CA CYS E 138 -27.08 47.97 -3.83
CA THR E 139 -28.86 48.67 -0.61
CA THR E 140 -26.90 48.03 2.58
CA ILE E 141 -28.55 47.00 5.84
CA HIS E 142 -26.63 47.09 9.09
CA TYR E 143 -27.31 44.27 11.49
CA ASN E 144 -26.05 43.80 15.05
CA TYR E 145 -25.88 40.39 16.72
CA MET E 146 -26.43 40.71 20.46
CA CYS E 147 -25.00 37.43 21.82
CA ASN E 148 -21.88 35.39 21.07
CA SER E 149 -22.45 31.99 19.49
CA SER E 150 -20.95 30.59 22.71
CA CYS E 151 -23.34 32.24 25.19
CA MET E 152 -24.40 29.66 27.75
CA GLY E 153 -28.17 29.40 28.07
CA GLY E 154 -28.41 30.99 24.62
CA MET E 155 -26.92 29.78 21.35
CA ASN E 156 -24.58 27.69 23.56
CA ARG E 157 -22.01 27.06 20.85
CA ARG E 158 -24.51 26.05 18.19
CA PRO E 159 -24.06 27.57 14.71
CA ILE E 160 -26.94 29.61 13.28
CA LEU E 161 -28.12 30.75 9.89
CA THR E 162 -29.45 34.18 9.20
CA ILE E 163 -32.33 34.07 6.70
CA ILE E 164 -32.96 37.28 4.78
CA THR E 165 -36.34 37.48 3.05
CA LEU E 166 -37.76 39.96 0.60
CA GLU E 167 -41.51 40.10 1.20
CA ASP E 168 -44.48 42.07 -0.06
CA SER E 169 -46.70 44.26 2.10
CA SER E 170 -48.78 41.24 3.18
CA GLY E 171 -45.67 39.28 4.14
CA ASN E 172 -45.71 37.08 1.04
CA LEU E 173 -42.33 35.80 -0.13
CA LEU E 174 -40.58 37.72 -2.94
CA GLY E 175 -37.09 36.33 -2.43
CA ARG E 176 -34.86 34.56 0.08
CA ASN E 177 -31.17 34.18 0.83
CA SER E 178 -29.17 33.05 3.85
CA PHE E 179 -25.74 32.83 5.40
CA GLU E 180 -24.15 31.13 8.39
CA VAL E 181 -23.10 33.31 11.31
CA ARG E 182 -20.54 32.95 14.06
CA VAL E 183 -20.62 35.69 16.70
CA CYS E 184 -17.30 35.59 18.52
CA ALA E 185 -14.50 37.60 20.12
CA CYS E 186 -11.93 37.06 17.36
CA PRO E 187 -13.63 36.88 13.92
CA GLY E 188 -10.38 36.87 11.90
CA ARG E 189 -8.81 34.14 14.01
CA ASP E 190 -11.90 31.97 13.90
CA ARG E 191 -12.54 32.47 10.17
CA ARG E 192 -9.03 31.38 9.30
CA THR E 193 -9.34 28.36 11.60
CA GLU E 194 -12.57 27.16 9.98
CA GLU E 195 -11.23 27.78 6.47
CA GLU E 196 -8.06 25.80 7.29
CA ASN E 197 -10.19 22.96 8.65
CA LEU E 198 -11.89 22.72 5.27
CA ARG E 199 -8.65 21.10 4.07
CA LYS E 200 -8.86 18.62 6.94
CA GLY E 234 -27.14 -15.86 -3.27
CA GLU E 235 -24.96 -18.95 -2.79
CA TYR E 236 -21.51 -18.75 -1.15
CA PHE E 237 -18.19 -19.60 -2.78
CA THR E 238 -14.72 -19.84 -1.32
CA LEU E 239 -11.57 -18.57 -2.89
CA GLN E 240 -8.11 -19.68 -1.83
CA ILE E 241 -5.65 -16.79 -1.71
CA ARG E 242 -1.88 -16.84 -1.34
CA GLY E 243 -0.29 -14.29 0.98
CA ARG E 244 -1.54 -12.42 4.04
CA GLU E 245 -1.32 -8.98 2.43
CA ARG E 246 -3.26 -10.12 -0.64
CA PHE E 247 -5.80 -11.86 1.61
CA GLU E 248 -6.28 -8.66 3.60
CA MET E 249 -6.75 -6.68 0.44
CA PHE E 250 -9.46 -9.06 -0.87
CA ARG E 251 -11.14 -9.21 2.55
CA GLU E 252 -11.33 -5.39 2.64
CA LEU E 253 -12.82 -5.31 -0.85
CA ASN E 254 -15.35 -8.02 -0.02
CA GLU E 255 -16.46 -6.33 3.22
CA ALA E 256 -16.88 -2.99 1.41
CA LEU E 257 -19.10 -4.60 -1.27
CA GLU E 258 -21.17 -6.29 1.45
CA LEU E 259 -21.56 -2.97 3.30
CA LYS E 260 -22.70 -1.41 0.06
CA ASP E 261 -25.23 -4.18 -0.56
CA ALA E 262 -26.56 -3.90 2.98
CA GLN E 263 -27.84 -0.40 2.16
CA ALA E 264 -30.83 -1.71 0.21
CA GLY E 265 -32.31 -4.37 2.48
#